data_9H7K
#
_entry.id   9H7K
#
_cell.length_a   41.107
_cell.length_b   63.069
_cell.length_c   83.837
_cell.angle_alpha   90.00
_cell.angle_beta   90.00
_cell.angle_gamma   90.00
#
_symmetry.space_group_name_H-M   'P 21 2 21'
#
loop_
_entity.id
_entity.type
_entity.pdbx_description
1 polymer Transthyretin
2 non-polymer 'CALCIUM ION'
3 non-polymer 8-(3,5-dimethyl-1H-pyrazol-4-yl)quinoline
4 water water
#
_entity_poly.entity_id   1
_entity_poly.type   'polypeptide(L)'
_entity_poly.pdbx_seq_one_letter_code
;GPTGTGESKCPLMVKVLDAVRGSPAINVAVHVFRKAADDTWEPFASGKTSESGELHGLTTEEEFVEGIYKVEIDTKSYWK
ALGISPFHEHAEVVFTANDSGPRRYTIAALLSPYSYSTTAVVTNPKE
;
_entity_poly.pdbx_strand_id   A,B
#
loop_
_chem_comp.id
_chem_comp.type
_chem_comp.name
_chem_comp.formula
A1IS2 non-polymer 8-(3,5-dimethyl-1H-pyrazol-4-yl)quinoline 'C14 H13 N3'
CA non-polymer 'CALCIUM ION' 'Ca 2'
#
# COMPACT_ATOMS: atom_id res chain seq x y z
N CYS A 10 -22.22 -7.00 -1.78
CA CYS A 10 -21.14 -6.05 -1.37
C CYS A 10 -19.98 -5.99 -2.36
N PRO A 11 -19.80 -4.87 -3.00
CA PRO A 11 -18.77 -4.90 -4.03
C PRO A 11 -17.35 -4.54 -3.55
N LEU A 12 -17.23 -4.06 -2.31
CA LEU A 12 -15.93 -3.74 -1.81
C LEU A 12 -15.87 -4.11 -0.33
N MET A 13 -15.04 -5.13 -0.06
CA MET A 13 -14.88 -5.65 1.28
C MET A 13 -13.43 -5.55 1.65
N VAL A 14 -13.17 -5.37 2.94
CA VAL A 14 -11.79 -5.24 3.45
C VAL A 14 -11.71 -6.14 4.68
N LYS A 15 -10.62 -6.89 4.70
CA LYS A 15 -10.34 -7.83 5.81
C LYS A 15 -8.91 -7.67 6.33
N VAL A 16 -8.76 -7.48 7.66
CA VAL A 16 -7.51 -7.08 8.23
C VAL A 16 -7.17 -7.93 9.48
N LEU A 17 -5.98 -8.44 9.46
CA LEU A 17 -5.44 -9.32 10.50
C LEU A 17 -4.18 -8.68 11.10
N ASP A 18 -3.96 -9.03 12.38
CA ASP A 18 -2.90 -8.51 13.21
C ASP A 18 -1.83 -9.61 13.45
N ALA A 19 -0.60 -9.36 12.96
CA ALA A 19 0.50 -10.36 13.02
C ALA A 19 1.22 -10.37 14.36
N VAL A 20 0.98 -9.34 15.18
CA VAL A 20 1.59 -9.26 16.51
C VAL A 20 0.79 -9.96 17.58
N ARG A 21 -0.51 -9.83 17.50
CA ARG A 21 -1.42 -10.43 18.46
C ARG A 21 -2.02 -11.76 18.03
N GLY A 22 -1.93 -12.11 16.72
CA GLY A 22 -2.55 -13.35 16.33
C GLY A 22 -4.04 -13.29 16.37
N SER A 23 -4.58 -12.17 15.87
CA SER A 23 -6.00 -11.90 15.95
C SER A 23 -6.47 -11.11 14.75
N PRO A 24 -7.79 -11.04 14.60
CA PRO A 24 -8.23 -10.02 13.69
C PRO A 24 -7.83 -8.64 14.17
N ALA A 25 -7.75 -7.71 13.23
CA ALA A 25 -7.56 -6.33 13.58
C ALA A 25 -8.92 -5.67 13.76
N ILE A 26 -9.31 -5.45 14.99
CA ILE A 26 -10.68 -5.02 15.34
C ILE A 26 -10.73 -3.51 15.48
N ASN A 27 -11.81 -2.95 14.96
CA ASN A 27 -12.09 -1.53 15.07
C ASN A 27 -11.03 -0.66 14.47
N VAL A 28 -10.47 -1.08 13.33
CA VAL A 28 -9.49 -0.27 12.63
C VAL A 28 -10.22 0.55 11.57
N ALA A 29 -9.94 1.86 11.55
CA ALA A 29 -10.63 2.77 10.57
C ALA A 29 -10.12 2.49 9.15
N VAL A 30 -11.03 2.52 8.18
CA VAL A 30 -10.68 2.32 6.77
C VAL A 30 -11.36 3.45 6.01
N HIS A 31 -10.56 4.20 5.26
CA HIS A 31 -11.09 5.29 4.41
C HIS A 31 -10.86 4.93 2.96
N VAL A 32 -11.91 5.18 2.17
CA VAL A 32 -11.76 4.98 0.73
C VAL A 32 -11.95 6.32 0.05
N PHE A 33 -11.09 6.59 -0.93
CA PHE A 33 -11.15 7.80 -1.77
C PHE A 33 -11.22 7.36 -3.20
N ARG A 34 -11.73 8.26 -4.02
CA ARG A 34 -11.78 7.97 -5.44
C ARG A 34 -11.20 9.13 -6.20
N LYS A 35 -10.38 8.82 -7.18
CA LYS A 35 -9.91 9.73 -8.17
C LYS A 35 -10.81 9.57 -9.46
N ALA A 36 -11.34 10.69 -9.76
CA ALA A 36 -12.15 10.85 -11.05
C ALA A 36 -11.31 10.99 -12.33
N ALA A 37 -11.99 10.82 -13.47
CA ALA A 37 -11.33 10.91 -14.79
C ALA A 37 -10.60 12.25 -14.98
N ASP A 38 -11.06 13.25 -14.24
CA ASP A 38 -10.42 14.56 -14.27
C ASP A 38 -9.39 14.71 -13.16
N TRP A 41 -9.63 13.42 -6.13
N TRP A 41 -8.15 13.64 -4.92
CA TRP A 41 -9.35 12.57 -4.95
CA TRP A 41 -9.08 12.62 -4.42
C TRP A 41 -10.31 12.74 -3.75
C TRP A 41 -10.58 13.17 -4.34
N GLU A 42 -11.53 12.30 -4.03
CA GLU A 42 -12.78 12.69 -3.42
C GLU A 42 -13.01 11.66 -2.31
N PRO A 43 -13.47 12.06 -1.11
CA PRO A 43 -13.94 11.03 -0.23
C PRO A 43 -15.03 10.17 -0.91
N PHE A 44 -14.95 8.86 -0.65
CA PHE A 44 -15.89 7.85 -1.21
C PHE A 44 -16.76 7.08 -0.19
N ALA A 45 -16.08 6.50 0.79
CA ALA A 45 -16.73 5.71 1.80
C ALA A 45 -15.69 5.46 2.95
N SER A 46 -16.17 5.10 4.14
CA SER A 46 -15.31 4.78 5.24
C SER A 46 -16.09 3.93 6.26
N GLY A 47 -15.37 3.22 7.15
CA GLY A 47 -16.00 2.36 8.07
C GLY A 47 -14.91 1.92 9.03
N LYS A 48 -15.30 1.05 9.97
CA LYS A 48 -14.32 0.42 10.86
C LYS A 48 -14.52 -1.10 10.78
N THR A 49 -13.43 -1.83 10.94
CA THR A 49 -13.49 -3.30 10.95
C THR A 49 -14.25 -3.82 12.18
N SER A 50 -14.93 -4.94 11.97
CA SER A 50 -15.70 -5.61 12.99
C SER A 50 -14.78 -6.47 13.92
N GLU A 51 -15.42 -7.16 14.87
CA GLU A 51 -14.72 -8.11 15.74
C GLU A 51 -14.03 -9.28 15.01
N SER A 52 -14.43 -9.56 13.75
CA SER A 52 -13.73 -10.54 12.91
C SER A 52 -12.71 -9.92 11.99
N GLY A 53 -12.51 -8.61 12.15
CA GLY A 53 -11.59 -7.89 11.32
C GLY A 53 -12.09 -7.51 9.92
N GLU A 54 -13.39 -7.64 9.68
CA GLU A 54 -13.96 -7.46 8.34
C GLU A 54 -14.80 -6.20 8.31
N LEU A 55 -14.90 -5.62 7.13
CA LEU A 55 -15.61 -4.42 6.91
C LEU A 55 -16.37 -4.71 5.62
N HIS A 56 -17.68 -4.90 5.83
CA HIS A 56 -18.73 -5.09 4.84
C HIS A 56 -19.62 -3.82 4.96
N GLY A 57 -20.24 -3.47 3.88
CA GLY A 57 -21.13 -2.37 3.85
C GLY A 57 -20.55 -1.01 3.57
N LEU A 58 -19.30 -0.97 3.11
CA LEU A 58 -18.68 0.31 2.73
C LEU A 58 -19.44 1.06 1.66
N THR A 59 -19.99 0.31 0.71
CA THR A 59 -20.57 0.93 -0.45
C THR A 59 -21.62 0.00 -1.02
N THR A 60 -22.14 0.41 -2.19
CA THR A 60 -23.22 -0.32 -2.86
C THR A 60 -22.87 -0.43 -4.33
N GLU A 61 -23.46 -1.42 -5.03
CA GLU A 61 -23.33 -1.53 -6.53
C GLU A 61 -23.58 -0.20 -7.23
N GLU A 62 -24.56 0.54 -6.73
CA GLU A 62 -25.02 1.72 -7.43
C GLU A 62 -23.98 2.86 -7.22
N GLU A 63 -23.21 2.87 -6.12
CA GLU A 63 -22.32 3.96 -5.87
C GLU A 63 -20.94 3.67 -6.39
N PHE A 64 -20.59 2.37 -6.54
CA PHE A 64 -19.24 1.96 -6.87
C PHE A 64 -18.99 1.90 -8.37
N VAL A 65 -18.54 3.02 -8.88
CA VAL A 65 -18.34 3.27 -10.32
C VAL A 65 -16.91 3.03 -10.71
N GLU A 66 -16.63 3.03 -11.98
CA GLU A 66 -15.26 3.00 -12.48
C GLU A 66 -14.48 4.12 -11.85
N GLY A 67 -13.21 3.84 -11.64
CA GLY A 67 -12.30 4.85 -11.16
C GLY A 67 -11.03 4.28 -10.53
N ILE A 68 -10.17 5.19 -10.08
CA ILE A 68 -9.03 4.82 -9.30
C ILE A 68 -9.38 5.05 -7.81
N TYR A 69 -9.32 3.98 -7.01
CA TYR A 69 -9.69 3.99 -5.61
C TYR A 69 -8.48 3.79 -4.77
N LYS A 70 -8.46 4.54 -3.68
CA LYS A 70 -7.42 4.40 -2.61
C LYS A 70 -8.14 3.95 -1.34
N VAL A 71 -7.68 2.83 -0.80
CA VAL A 71 -8.12 2.34 0.48
C VAL A 71 -6.99 2.58 1.46
N GLU A 72 -7.27 3.39 2.48
CA GLU A 72 -6.31 3.67 3.49
C GLU A 72 -6.77 3.08 4.83
N ILE A 73 -5.93 2.25 5.44
CA ILE A 73 -6.21 1.62 6.71
C ILE A 73 -5.38 2.35 7.73
N ASP A 74 -6.05 2.82 8.77
CA ASP A 74 -5.45 3.63 9.82
C ASP A 74 -4.65 2.83 10.83
N THR A 75 -3.52 2.31 10.37
CA THR A 75 -2.66 1.45 11.16
C THR A 75 -2.04 2.22 12.33
N LYS A 76 -1.71 3.50 12.13
CA LYS A 76 -1.08 4.28 13.17
C LYS A 76 -1.99 4.28 14.43
N SER A 77 -3.27 4.63 14.28
CA SER A 77 -4.19 4.71 15.50
C SER A 77 -4.35 3.37 16.17
N TYR A 78 -4.38 2.36 15.33
CA TYR A 78 -4.61 0.99 15.80
C TYR A 78 -3.45 0.58 16.66
N TRP A 79 -2.23 0.71 16.15
CA TRP A 79 -1.08 0.34 16.96
C TRP A 79 -0.90 1.21 18.20
N LYS A 80 -1.09 2.50 18.06
CA LYS A 80 -0.91 3.39 19.22
C LYS A 80 -1.92 2.97 20.36
N ALA A 81 -3.16 2.59 20.00
CA ALA A 81 -4.18 2.22 20.99
C ALA A 81 -3.85 0.89 21.74
N LEU A 82 -2.98 0.08 21.14
CA LEU A 82 -2.49 -1.16 21.69
C LEU A 82 -1.16 -1.03 22.43
N GLY A 83 -0.59 0.16 22.42
CA GLY A 83 0.65 0.48 23.15
C GLY A 83 1.86 0.02 22.36
N ILE A 84 1.71 0.04 21.03
CA ILE A 84 2.77 -0.42 20.14
C ILE A 84 3.20 0.73 19.20
N SER A 85 4.49 0.74 18.92
CA SER A 85 5.13 1.76 18.09
CA SER A 85 5.11 1.77 18.09
C SER A 85 4.93 1.45 16.62
N PRO A 86 4.08 2.22 15.92
CA PRO A 86 3.85 2.01 14.47
C PRO A 86 4.87 2.75 13.64
N PHE A 87 5.37 2.15 12.56
CA PHE A 87 6.23 2.83 11.62
C PHE A 87 5.38 3.55 10.61
N HIS A 88 4.41 2.83 10.01
CA HIS A 88 3.61 3.43 8.94
C HIS A 88 2.56 4.35 9.50
N GLU A 89 2.24 5.39 8.74
CA GLU A 89 1.14 6.20 9.04
C GLU A 89 -0.14 5.41 8.79
N HIS A 90 -0.15 4.69 7.68
CA HIS A 90 -1.33 3.99 7.27
C HIS A 90 -0.90 2.98 6.21
N ALA A 91 -1.74 1.97 5.95
CA ALA A 91 -1.56 1.08 4.78
C ALA A 91 -2.55 1.47 3.70
N GLU A 92 -2.05 1.61 2.45
CA GLU A 92 -2.68 2.44 1.38
CA GLU A 92 -2.64 2.42 1.37
C GLU A 92 -2.65 1.66 0.06
N VAL A 93 -3.79 1.08 -0.30
CA VAL A 93 -3.92 0.23 -1.45
C VAL A 93 -4.61 1.04 -2.56
N VAL A 94 -3.95 1.22 -3.70
CA VAL A 94 -4.52 2.01 -4.80
C VAL A 94 -4.67 1.17 -6.04
N PHE A 95 -5.86 1.16 -6.60
CA PHE A 95 -6.18 0.27 -7.77
C PHE A 95 -7.27 0.92 -8.63
N THR A 96 -7.23 0.56 -9.91
CA THR A 96 -8.33 0.88 -10.81
C THR A 96 -9.43 -0.19 -10.68
N ALA A 97 -10.65 0.26 -10.60
CA ALA A 97 -11.78 -0.62 -10.40
C ALA A 97 -12.76 -0.53 -11.52
N ASN A 98 -13.33 -1.69 -11.89
CA ASN A 98 -14.55 -1.77 -12.74
C ASN A 98 -14.31 -1.38 -14.17
N ASP A 99 -13.07 -1.34 -14.59
CA ASP A 99 -12.75 -0.68 -15.89
C ASP A 99 -13.29 -1.50 -17.04
N SER A 100 -13.36 -2.83 -16.89
CA SER A 100 -13.89 -3.74 -17.99
C SER A 100 -15.29 -4.25 -17.62
N GLY A 101 -15.88 -3.62 -16.61
CA GLY A 101 -17.20 -4.03 -16.11
C GLY A 101 -17.20 -4.16 -14.59
N PRO A 102 -18.39 -4.16 -13.97
CA PRO A 102 -18.48 -4.28 -12.52
C PRO A 102 -17.79 -5.58 -12.00
N ARG A 103 -17.02 -5.46 -10.91
CA ARG A 103 -16.46 -6.61 -10.24
C ARG A 103 -16.65 -6.33 -8.75
N ARG A 104 -16.51 -7.41 -8.04
CA ARG A 104 -16.39 -7.40 -6.60
C ARG A 104 -14.92 -7.58 -6.15
N TYR A 105 -14.55 -6.80 -5.13
CA TYR A 105 -13.20 -6.68 -4.65
C TYR A 105 -13.12 -6.90 -3.15
N THR A 106 -12.24 -7.81 -2.78
CA THR A 106 -11.85 -7.95 -1.38
C THR A 106 -10.43 -7.53 -1.25
N ILE A 107 -10.23 -6.55 -0.33
CA ILE A 107 -8.88 -6.12 -0.03
C ILE A 107 -8.48 -6.70 1.36
N ALA A 108 -7.49 -7.58 1.35
CA ALA A 108 -6.97 -8.27 2.56
C ALA A 108 -5.64 -7.65 2.95
N ALA A 109 -5.44 -7.37 4.27
CA ALA A 109 -4.25 -6.75 4.76
C ALA A 109 -3.83 -7.44 6.06
N LEU A 110 -2.52 -7.67 6.13
CA LEU A 110 -1.89 -8.28 7.29
C LEU A 110 -0.94 -7.31 7.89
N LEU A 111 -1.17 -6.92 9.16
CA LEU A 111 -0.42 -5.82 9.73
C LEU A 111 0.64 -6.18 10.77
N SER A 112 1.79 -5.58 10.63
CA SER A 112 2.83 -5.56 11.67
C SER A 112 3.31 -4.13 11.87
N PRO A 113 4.02 -3.84 13.00
CA PRO A 113 4.33 -2.43 13.27
C PRO A 113 5.25 -1.78 12.21
N TYR A 114 6.14 -2.57 11.59
CA TYR A 114 7.10 -2.05 10.60
C TYR A 114 6.88 -2.65 9.20
N SER A 115 5.76 -3.34 8.99
CA SER A 115 5.49 -4.03 7.72
C SER A 115 4.03 -4.23 7.53
N TYR A 116 3.58 -4.26 6.27
CA TYR A 116 2.27 -4.82 5.98
C TYR A 116 2.32 -5.55 4.64
N SER A 117 1.38 -6.45 4.51
CA SER A 117 1.16 -7.11 3.21
CA SER A 117 1.13 -7.23 3.26
C SER A 117 -0.31 -7.02 2.85
N THR A 118 -0.60 -6.87 1.53
CA THR A 118 -1.94 -6.78 1.14
C THR A 118 -2.14 -7.56 -0.18
N THR A 119 -3.32 -8.10 -0.32
CA THR A 119 -3.67 -8.77 -1.58
C THR A 119 -5.07 -8.45 -1.93
N ALA A 120 -5.39 -8.69 -3.20
CA ALA A 120 -6.78 -8.52 -3.66
C ALA A 120 -7.40 -9.83 -4.20
N VAL A 121 -8.66 -10.01 -3.90
CA VAL A 121 -9.47 -11.04 -4.52
C VAL A 121 -10.49 -10.32 -5.39
N VAL A 122 -10.56 -10.71 -6.67
CA VAL A 122 -11.45 -10.01 -7.60
C VAL A 122 -12.33 -11.07 -8.18
N THR A 123 -13.65 -10.85 -8.09
CA THR A 123 -14.67 -11.77 -8.65
C THR A 123 -15.66 -11.07 -9.57
N ASN A 124 -16.12 -11.79 -10.60
CA ASN A 124 -17.09 -11.24 -11.55
C ASN A 124 -18.45 -11.73 -11.10
N PRO A 125 -19.26 -10.81 -10.52
CA PRO A 125 -20.43 -11.14 -9.69
C PRO A 125 -21.30 -12.27 -10.22
N CYS B 10 22.80 6.26 0.87
CA CYS B 10 23.12 6.79 2.24
C CYS B 10 21.98 6.48 3.21
N PRO B 11 21.24 7.54 3.62
CA PRO B 11 20.21 7.35 4.66
C PRO B 11 18.96 6.63 4.26
N LEU B 12 18.69 6.54 2.96
CA LEU B 12 17.45 5.94 2.48
C LEU B 12 17.72 5.08 1.29
N MET B 13 17.28 3.82 1.40
CA MET B 13 17.49 2.89 0.31
C MET B 13 16.21 2.15 0.05
N VAL B 14 15.96 1.83 -1.21
CA VAL B 14 14.79 1.02 -1.53
C VAL B 14 15.26 -0.21 -2.28
N LYS B 15 14.60 -1.30 -1.95
CA LYS B 15 14.87 -2.54 -2.60
C LYS B 15 13.55 -3.25 -3.00
N VAL B 16 13.51 -3.76 -4.24
CA VAL B 16 12.29 -4.31 -4.76
C VAL B 16 12.58 -5.72 -5.37
N LEU B 17 11.75 -6.68 -5.01
CA LEU B 17 11.87 -8.07 -5.47
C LEU B 17 10.51 -8.50 -6.10
N ASP B 18 10.63 -9.40 -7.07
CA ASP B 18 9.52 -9.98 -7.80
C ASP B 18 9.32 -11.46 -7.32
N ALA B 19 8.16 -11.69 -6.76
CA ALA B 19 7.75 -12.92 -6.14
C ALA B 19 7.20 -13.96 -7.17
N VAL B 20 7.00 -13.54 -8.43
CA VAL B 20 6.49 -14.43 -9.43
C VAL B 20 7.62 -15.08 -10.21
N ARG B 21 8.59 -14.27 -10.60
CA ARG B 21 9.76 -14.72 -11.28
C ARG B 21 10.96 -15.01 -10.37
N GLY B 22 10.90 -14.62 -9.09
CA GLY B 22 12.01 -14.85 -8.16
C GLY B 22 13.27 -14.08 -8.53
N SER B 23 13.12 -12.81 -8.78
CA SER B 23 14.21 -12.02 -9.28
C SER B 23 14.10 -10.66 -8.67
N PRO B 24 15.21 -9.91 -8.70
CA PRO B 24 15.07 -8.49 -8.43
C PRO B 24 14.13 -7.83 -9.45
N ALA B 25 13.46 -6.75 -9.04
CA ALA B 25 12.62 -5.93 -9.91
C ALA B 25 13.47 -4.75 -10.40
N ILE B 26 13.95 -4.90 -11.65
CA ILE B 26 14.87 -4.02 -12.31
C ILE B 26 14.18 -2.86 -13.07
N ASN B 27 14.81 -1.68 -13.02
CA ASN B 27 14.34 -0.46 -13.70
C ASN B 27 12.94 -0.05 -13.28
N VAL B 28 12.61 -0.20 -12.00
CA VAL B 28 11.33 0.28 -11.51
C VAL B 28 11.44 1.70 -10.94
N ALA B 29 10.54 2.56 -11.39
CA ALA B 29 10.47 3.93 -10.91
C ALA B 29 10.01 3.97 -9.44
N VAL B 30 10.75 4.71 -8.62
CA VAL B 30 10.44 4.93 -7.21
C VAL B 30 10.47 6.45 -6.98
N HIS B 31 9.38 6.98 -6.45
CA HIS B 31 9.25 8.37 -6.09
C HIS B 31 9.03 8.50 -4.60
N VAL B 32 9.79 9.42 -4.03
CA VAL B 32 9.67 9.71 -2.59
C VAL B 32 9.16 11.14 -2.39
N PHE B 33 8.20 11.28 -1.48
CA PHE B 33 7.58 12.54 -1.12
C PHE B 33 7.69 12.71 0.40
N ARG B 34 7.53 13.95 0.87
CA ARG B 34 7.66 14.35 2.26
C ARG B 34 6.57 15.35 2.47
N LYS B 35 6.00 15.38 3.66
CA LYS B 35 4.80 16.21 3.86
C LYS B 35 5.13 17.65 4.27
N GLU B 42 4.59 16.50 -1.55
CA GLU B 42 5.81 17.28 -1.85
C GLU B 42 7.00 16.45 -2.37
N PRO B 43 7.29 16.54 -3.69
CA PRO B 43 8.36 15.67 -4.20
C PRO B 43 9.67 15.83 -3.45
N PHE B 44 10.30 14.71 -3.07
CA PHE B 44 11.55 14.75 -2.28
C PHE B 44 12.78 14.03 -2.90
N ALA B 45 12.58 12.88 -3.56
CA ALA B 45 13.68 12.14 -4.17
C ALA B 45 13.07 11.12 -5.10
N SER B 46 13.81 10.66 -6.11
CA SER B 46 13.29 9.63 -6.97
C SER B 46 14.42 8.94 -7.75
N GLY B 47 14.09 7.79 -8.34
CA GLY B 47 15.07 7.10 -9.17
C GLY B 47 14.51 5.83 -9.73
N LYS B 48 15.35 5.02 -10.35
CA LYS B 48 14.95 3.71 -10.84
C LYS B 48 15.77 2.64 -10.18
N THR B 49 15.16 1.51 -9.88
CA THR B 49 15.97 0.43 -9.41
C THR B 49 17.04 -0.13 -10.40
N SER B 50 18.17 -0.51 -9.80
CA SER B 50 19.28 -1.18 -10.48
C SER B 50 18.99 -2.65 -10.89
N GLU B 51 19.97 -3.25 -11.54
CA GLU B 51 19.99 -4.69 -11.86
C GLU B 51 19.82 -5.61 -10.61
N SER B 52 20.15 -5.08 -9.44
CA SER B 52 19.99 -5.81 -8.18
C SER B 52 18.65 -5.49 -7.48
N GLY B 53 17.79 -4.70 -8.11
CA GLY B 53 16.55 -4.32 -7.48
C GLY B 53 16.66 -3.20 -6.48
N GLU B 54 17.86 -2.62 -6.39
CA GLU B 54 18.18 -1.68 -5.34
C GLU B 54 18.26 -0.29 -5.92
N LEU B 55 17.88 0.66 -5.10
CA LEU B 55 18.00 2.04 -5.41
C LEU B 55 18.66 2.79 -4.24
N HIS B 56 19.89 3.21 -4.48
CA HIS B 56 20.70 4.00 -3.58
C HIS B 56 20.82 5.44 -4.15
N GLY B 57 21.31 6.36 -3.35
CA GLY B 57 21.62 7.70 -3.85
C GLY B 57 20.41 8.59 -3.96
N LEU B 58 19.33 8.18 -3.30
CA LEU B 58 18.07 8.91 -3.29
C LEU B 58 18.16 10.27 -2.64
N THR B 59 18.74 10.31 -1.45
CA THR B 59 18.86 11.54 -0.73
C THR B 59 20.22 11.62 0.00
N THR B 60 20.38 12.71 0.74
CA THR B 60 21.54 12.94 1.60
C THR B 60 21.09 13.09 3.07
N GLU B 61 22.02 12.89 4.00
CA GLU B 61 21.76 13.06 5.43
C GLU B 61 21.31 14.51 5.78
N GLU B 62 21.81 15.51 5.05
CA GLU B 62 21.39 16.90 5.32
C GLU B 62 19.91 17.06 4.92
N GLU B 63 19.53 16.43 3.81
CA GLU B 63 18.22 16.66 3.21
C GLU B 63 17.14 15.87 3.93
N PHE B 64 17.50 14.75 4.54
CA PHE B 64 16.54 13.77 4.98
C PHE B 64 16.27 14.02 6.46
N VAL B 65 15.39 14.94 6.77
CA VAL B 65 15.13 15.32 8.14
C VAL B 65 14.02 14.39 8.63
N GLU B 66 13.78 14.37 9.93
CA GLU B 66 12.58 13.81 10.48
C GLU B 66 11.34 14.37 9.78
N GLY B 67 10.30 13.56 9.65
CA GLY B 67 9.05 13.99 9.04
C GLY B 67 8.29 12.77 8.55
N ILE B 68 7.26 13.02 7.74
CA ILE B 68 6.45 12.00 7.20
C ILE B 68 6.77 11.88 5.73
N TYR B 69 7.10 10.66 5.32
CA TYR B 69 7.48 10.38 3.94
C TYR B 69 6.55 9.32 3.28
N LYS B 70 6.43 9.42 1.96
CA LYS B 70 5.69 8.46 1.10
C LYS B 70 6.68 7.96 0.06
N VAL B 71 6.91 6.65 0.06
CA VAL B 71 7.65 6.01 -1.03
C VAL B 71 6.62 5.36 -1.95
N GLU B 72 6.62 5.79 -3.22
CA GLU B 72 5.70 5.24 -4.23
C GLU B 72 6.46 4.48 -5.25
N ILE B 73 6.17 3.20 -5.36
CA ILE B 73 6.87 2.33 -6.34
C ILE B 73 5.94 2.05 -7.52
N ASP B 74 6.38 2.31 -8.72
CA ASP B 74 5.54 2.18 -9.91
C ASP B 74 5.48 0.73 -10.42
N THR B 75 4.77 -0.05 -9.64
CA THR B 75 4.57 -1.42 -9.87
C THR B 75 3.72 -1.70 -11.13
N LYS B 76 2.82 -0.79 -11.46
CA LYS B 76 1.95 -1.00 -12.61
C LYS B 76 2.79 -1.03 -13.88
N SER B 77 3.72 -0.10 -14.01
CA SER B 77 4.57 -0.04 -15.22
C SER B 77 5.48 -1.25 -15.29
N TYR B 78 5.98 -1.70 -14.12
CA TYR B 78 6.80 -2.92 -14.05
C TYR B 78 6.05 -4.15 -14.65
N TRP B 79 4.86 -4.44 -14.15
CA TRP B 79 4.13 -5.67 -14.55
C TRP B 79 3.80 -5.55 -16.07
N LYS B 80 3.42 -4.34 -16.47
CA LYS B 80 3.00 -4.13 -17.83
C LYS B 80 4.10 -4.42 -18.82
N ALA B 81 5.30 -4.05 -18.45
CA ALA B 81 6.49 -4.30 -19.25
C ALA B 81 6.70 -5.82 -19.43
N LEU B 82 6.29 -6.62 -18.43
CA LEU B 82 6.44 -8.10 -18.49
C LEU B 82 5.30 -8.79 -19.23
N GLY B 83 4.25 -8.04 -19.54
CA GLY B 83 3.09 -8.60 -20.20
C GLY B 83 2.08 -9.16 -19.25
N ILE B 84 2.17 -8.72 -18.01
CA ILE B 84 1.26 -9.18 -16.99
C ILE B 84 0.33 -8.03 -16.52
N SER B 85 -0.95 -8.33 -16.47
CA SER B 85 -1.95 -7.36 -15.98
C SER B 85 -1.90 -7.26 -14.43
N PRO B 86 -1.59 -6.08 -13.89
CA PRO B 86 -1.44 -5.90 -12.43
C PRO B 86 -2.71 -5.31 -11.80
N PHE B 87 -2.89 -5.54 -10.53
CA PHE B 87 -4.03 -5.01 -9.79
C PHE B 87 -3.81 -3.54 -9.35
N HIS B 88 -2.65 -3.28 -8.77
CA HIS B 88 -2.41 -2.03 -8.15
C HIS B 88 -1.85 -0.95 -9.04
N GLU B 89 -2.11 0.31 -8.72
CA GLU B 89 -1.48 1.40 -9.50
C GLU B 89 -0.04 1.55 -9.12
N HIS B 90 0.24 1.32 -7.86
CA HIS B 90 1.59 1.39 -7.34
C HIS B 90 1.60 0.62 -6.00
N ALA B 91 2.80 0.38 -5.45
CA ALA B 91 2.98 0.09 -4.05
C ALA B 91 3.45 1.37 -3.34
N GLU B 92 2.58 1.93 -2.46
CA GLU B 92 2.79 3.22 -1.78
C GLU B 92 3.01 3.01 -0.32
N VAL B 93 3.99 3.72 0.23
CA VAL B 93 4.42 3.37 1.56
C VAL B 93 4.71 4.62 2.36
N VAL B 94 3.93 4.82 3.43
CA VAL B 94 3.87 6.14 4.12
C VAL B 94 4.26 5.95 5.59
N PHE B 95 5.28 6.69 6.04
CA PHE B 95 5.89 6.42 7.36
C PHE B 95 6.48 7.67 7.96
N THR B 96 6.60 7.69 9.30
CA THR B 96 7.27 8.75 10.02
C THR B 96 8.72 8.38 10.25
N ALA B 97 9.61 9.31 9.90
CA ALA B 97 11.03 9.21 10.12
C ALA B 97 11.38 9.83 11.47
N ASN B 98 11.74 8.98 12.42
CA ASN B 98 12.22 9.45 13.71
C ASN B 98 13.05 8.39 14.41
N ARG B 104 19.40 5.62 8.77
CA ARG B 104 19.63 4.41 7.99
C ARG B 104 18.36 3.58 7.74
N TYR B 105 17.60 3.89 6.68
CA TYR B 105 16.27 3.28 6.44
C TYR B 105 16.36 2.53 5.16
N THR B 106 15.92 1.29 5.19
CA THR B 106 15.70 0.53 3.97
C THR B 106 14.22 0.20 3.88
N ILE B 107 13.64 0.54 2.75
CA ILE B 107 12.29 0.16 2.45
C ILE B 107 12.39 -0.97 1.45
N ALA B 108 11.85 -2.14 1.84
CA ALA B 108 11.86 -3.32 1.05
C ALA B 108 10.47 -3.59 0.57
N ALA B 109 10.35 -4.02 -0.69
CA ALA B 109 9.04 -4.30 -1.24
C ALA B 109 9.09 -5.58 -2.06
N LEU B 110 8.10 -6.39 -1.85
CA LEU B 110 8.02 -7.72 -2.48
C LEU B 110 6.73 -7.78 -3.31
N LEU B 111 6.86 -7.96 -4.64
CA LEU B 111 5.77 -7.72 -5.54
C LEU B 111 5.18 -8.98 -6.18
N SER B 112 3.86 -9.06 -6.21
CA SER B 112 3.12 -10.01 -7.07
C SER B 112 2.00 -9.26 -7.81
N PRO B 113 1.41 -9.90 -8.87
CA PRO B 113 0.50 -9.07 -9.65
C PRO B 113 -0.74 -8.50 -8.91
N TYR B 114 -1.22 -9.23 -7.87
CA TYR B 114 -2.38 -8.84 -7.10
C TYR B 114 -2.01 -8.58 -5.63
N SER B 115 -0.72 -8.50 -5.30
CA SER B 115 -0.30 -8.34 -3.89
C SER B 115 1.05 -7.66 -3.78
N TYR B 116 1.28 -7.02 -2.61
CA TYR B 116 2.58 -6.62 -2.30
C TYR B 116 2.72 -6.59 -0.79
N SER B 117 3.93 -6.83 -0.38
CA SER B 117 4.31 -6.54 0.99
CA SER B 117 4.38 -6.66 1.01
C SER B 117 5.50 -5.63 1.06
N THR B 118 5.50 -4.90 2.17
CA THR B 118 6.55 -3.97 2.35
C THR B 118 6.96 -3.91 3.80
N THR B 119 8.23 -3.71 4.01
CA THR B 119 8.75 -3.56 5.43
C THR B 119 9.79 -2.47 5.45
N ALA B 120 10.15 -2.05 6.66
CA ALA B 120 11.18 -1.04 6.86
C ALA B 120 12.23 -1.63 7.78
N VAL B 121 13.47 -1.36 7.44
CA VAL B 121 14.56 -1.74 8.34
C VAL B 121 15.26 -0.46 8.75
N VAL B 122 15.37 -0.20 10.07
CA VAL B 122 15.75 1.11 10.52
C VAL B 122 16.85 1.06 11.53
CA CA C . -13.72 1.44 -18.84
N1 A1IS2 D . -0.64 -11.38 3.44
C2 A1IS2 D . -1.96 -11.16 3.54
C3 A1IS2 D . -2.76 -9.99 3.02
C4 A1IS2 D . -1.48 -14.53 5.28
C5 A1IS2 D . -3.98 -12.34 4.58
C6 A1IS2 D . -4.56 -11.27 5.27
C7 A1IS2 D . -5.91 -11.24 5.64
C8 A1IS2 D . -6.75 -12.29 5.32
C9 A1IS2 D . -6.21 -13.32 4.66
C10 A1IS2 D . -4.79 -13.44 4.25
C11 A1IS2 D . -5.00 -15.46 3.27
C12 A1IS2 D . -6.34 -15.48 3.62
C13 A1IS2 D . -6.96 -14.46 4.32
C1 A1IS2 D . -1.42 -13.22 4.54
N A1IS2 D . -0.35 -12.60 4.05
C A1IS2 D . -2.54 -12.40 4.14
N2 A1IS2 D . -4.22 -14.44 3.58
CA CA E . -18.56 -4.04 15.15
CA CA F . 15.60 15.75 -4.39
N1 A1IS2 G . 7.96 -9.20 2.64
C2 A1IS2 G . 8.99 -8.42 2.26
C3 A1IS2 G . 8.98 -6.94 2.01
C4 A1IS2 G . 10.49 -11.96 2.48
C5 A1IS2 G . 11.45 -8.77 1.68
C6 A1IS2 G . 11.52 -7.98 0.53
C7 A1IS2 G . 12.73 -7.48 0.04
C8 A1IS2 G . 13.93 -7.71 0.66
C9 A1IS2 G . 13.92 -8.45 1.74
C10 A1IS2 G . 12.69 -9.06 2.36
C11 A1IS2 G . 13.76 -10.07 4.10
C12 A1IS2 G . 14.98 -9.59 3.62
C13 A1IS2 G . 15.10 -8.80 2.50
C1 A1IS2 G . 9.72 -10.67 2.45
N A1IS2 G . 8.42 -10.54 2.72
C A1IS2 G . 10.20 -9.33 2.23
N2 A1IS2 G . 12.64 -9.82 3.47
#